data_7XHZ
#
_entry.id   7XHZ
#
_cell.length_a   53.610
_cell.length_b   63.060
_cell.length_c   92.730
_cell.angle_alpha   90.000
_cell.angle_beta   90.000
_cell.angle_gamma   90.000
#
_symmetry.space_group_name_H-M   'P 21 2 21'
#
loop_
_entity.id
_entity.type
_entity.pdbx_description
1 polymer 'Phosphatase, SAV2152'
2 water water
#
_entity_poly.entity_id   1
_entity_poly.type   'polypeptide(L)'
_entity_poly.pdbx_seq_one_letter_code
;NVKAIFLD(MSE)DGTILHENNQASTYTKDVINQLREKGYKVFLATGRSHSEIHQLVPQDFAVNGIISSNGTIGEVDGEI
IFKHGLSLAQVQQITNLAKRQQIYYEVFPFEGNRVSLKEDETW(MSE)RD(MSE)IRSQDPINGVSHSEWSSRQDALAGK
IDWVTKFPEGEYSKIYLFSSNLEKITAFRDELKQNHVQLQISVSNSSRFNAET(MSE)AYQTDKGTGIKE(MSE)IAHFG
IHQEETLVIGD
;
_entity_poly.pdbx_strand_id   A
#
# COMPACT_ATOMS: atom_id res chain seq x y z
N ASN A 1 -19.17 -23.62 2.60
CA ASN A 1 -17.94 -24.31 2.25
C ASN A 1 -16.69 -23.43 2.31
N VAL A 2 -16.41 -22.83 3.47
CA VAL A 2 -15.23 -21.98 3.60
C VAL A 2 -13.96 -22.82 3.66
N LYS A 3 -13.06 -22.60 2.71
CA LYS A 3 -11.76 -23.27 2.70
C LYS A 3 -10.59 -22.35 3.04
N ALA A 4 -10.76 -21.04 2.83
CA ALA A 4 -9.70 -20.07 3.05
C ALA A 4 -10.21 -18.92 3.90
N ILE A 5 -9.39 -18.45 4.81
CA ILE A 5 -9.66 -17.23 5.56
C ILE A 5 -8.60 -16.23 5.14
N PHE A 6 -9.02 -15.06 4.67
CA PHE A 6 -8.11 -14.00 4.23
C PHE A 6 -8.22 -12.85 5.23
N LEU A 7 -7.17 -12.65 6.01
CA LEU A 7 -7.13 -11.57 6.99
C LEU A 7 -6.59 -10.32 6.33
N ASP A 8 -7.40 -9.29 6.27
CA ASP A 8 -7.00 -8.01 5.73
C ASP A 8 -6.70 -7.09 6.89
N MSE A 9 -5.43 -6.83 7.12
CA MSE A 9 -5.00 -6.14 8.32
C MSE A 9 -4.05 -5.03 7.99
O MSE A 9 -2.96 -5.25 7.47
CB MSE A 9 -4.28 -7.10 9.28
CG MSE A 9 -5.12 -8.23 9.77
SE MSE A 9 -4.26 -9.13 11.28
CE MSE A 9 -3.71 -7.64 12.18
H MSE A 9 -4.79 -7.06 6.60
HA MSE A 9 -5.79 -5.79 8.75
HB2 MSE A 9 -3.51 -7.50 8.81
HB3 MSE A 9 -3.98 -6.61 10.04
HG2 MSE A 9 -5.98 -7.88 10.07
HG3 MSE A 9 -5.25 -8.88 9.06
HE1 MSE A 9 -3.55 -7.88 13.11
HE2 MSE A 9 -2.89 -7.31 11.78
HE3 MSE A 9 -4.41 -6.97 12.13
N ASP A 10 -4.45 -3.81 8.35
CA ASP A 10 -3.50 -2.72 8.35
C ASP A 10 -2.28 -3.07 9.18
N GLY A 11 -1.11 -2.81 8.61
CA GLY A 11 0.12 -3.13 9.32
C GLY A 11 0.29 -2.37 10.61
N THR A 12 -0.46 -1.29 10.80
CA THR A 12 -0.34 -0.55 12.05
C THR A 12 -0.73 -1.43 13.23
N ILE A 13 -1.74 -2.31 13.04
CA ILE A 13 -2.18 -3.19 14.12
C ILE A 13 -1.08 -4.16 14.52
N LEU A 14 -0.29 -4.63 13.57
CA LEU A 14 0.78 -5.56 13.91
C LEU A 14 2.02 -4.84 14.42
N HIS A 15 2.30 -3.64 13.91
CA HIS A 15 3.52 -2.90 14.22
C HIS A 15 3.64 -2.59 15.69
N GLU A 16 2.85 -1.63 16.16
CA GLU A 16 2.94 -1.19 17.55
C GLU A 16 2.47 -2.29 18.49
N ASN A 17 1.24 -2.78 18.30
CA ASN A 17 0.71 -3.74 19.26
C ASN A 17 1.42 -5.09 19.15
N ASN A 18 2.10 -5.46 20.21
CA ASN A 18 2.58 -6.83 20.37
C ASN A 18 1.51 -7.74 20.96
N GLN A 19 0.51 -7.18 21.62
CA GLN A 19 -0.58 -8.00 22.12
C GLN A 19 -1.49 -8.42 20.96
N ALA A 20 -1.94 -7.46 20.13
CA ALA A 20 -2.72 -7.81 18.95
C ALA A 20 -1.92 -8.68 17.98
N SER A 21 -0.61 -8.47 17.89
CA SER A 21 0.22 -9.31 17.04
C SER A 21 0.27 -10.75 17.56
N THR A 22 0.53 -10.93 18.86
CA THR A 22 0.54 -12.29 19.42
C THR A 22 -0.83 -12.94 19.31
N TYR A 23 -1.90 -12.16 19.50
CA TYR A 23 -3.24 -12.69 19.34
C TYR A 23 -3.46 -13.19 17.91
N THR A 24 -3.08 -12.37 16.93
CA THR A 24 -3.23 -12.76 15.54
C THR A 24 -2.43 -14.04 15.24
N LYS A 25 -1.18 -14.12 15.72
CA LYS A 25 -0.39 -15.34 15.58
C LYS A 25 -1.14 -16.57 16.08
N ASP A 26 -1.69 -16.49 17.30
CA ASP A 26 -2.40 -17.63 17.86
C ASP A 26 -3.63 -17.96 17.04
N VAL A 27 -4.35 -16.95 16.56
CA VAL A 27 -5.54 -17.23 15.74
C VAL A 27 -5.15 -17.96 14.46
N ILE A 28 -4.14 -17.45 13.76
CA ILE A 28 -3.69 -18.11 12.53
C ILE A 28 -3.37 -19.57 12.79
N ASN A 29 -2.64 -19.85 13.88
CA ASN A 29 -2.30 -21.24 14.21
C ASN A 29 -3.55 -22.06 14.45
N GLN A 30 -4.53 -21.51 15.17
CA GLN A 30 -5.73 -22.28 15.43
C GLN A 30 -6.47 -22.60 14.14
N LEU A 31 -6.58 -21.61 13.24
CA LEU A 31 -7.30 -21.83 11.99
C LEU A 31 -6.57 -22.84 11.12
N ARG A 32 -5.23 -22.78 11.06
CA ARG A 32 -4.48 -23.79 10.30
C ARG A 32 -4.74 -25.18 10.85
N GLU A 33 -4.72 -25.30 12.19
CA GLU A 33 -4.95 -26.60 12.81
C GLU A 33 -6.32 -27.16 12.47
N LYS A 34 -7.32 -26.29 12.31
CA LYS A 34 -8.66 -26.71 11.91
C LYS A 34 -8.77 -27.01 10.41
N GLY A 35 -7.67 -26.90 9.67
CA GLY A 35 -7.67 -27.25 8.27
C GLY A 35 -7.92 -26.12 7.29
N TYR A 36 -8.09 -24.88 7.76
CA TYR A 36 -8.27 -23.78 6.82
C TYR A 36 -6.95 -23.36 6.22
N LYS A 37 -7.00 -22.86 4.99
CA LYS A 37 -5.87 -22.09 4.49
C LYS A 37 -6.01 -20.67 5.05
N VAL A 38 -4.89 -20.06 5.43
CA VAL A 38 -4.91 -18.73 6.05
C VAL A 38 -3.96 -17.81 5.32
N PHE A 39 -4.49 -16.66 4.89
CA PHE A 39 -3.74 -15.68 4.14
C PHE A 39 -3.83 -14.34 4.82
N LEU A 40 -2.82 -13.50 4.59
CA LEU A 40 -2.73 -12.18 5.19
C LEU A 40 -2.52 -11.18 4.08
N ALA A 41 -3.24 -10.07 4.11
CA ALA A 41 -2.95 -8.92 3.27
C ALA A 41 -2.50 -7.76 4.17
N THR A 42 -1.25 -7.33 3.99
CA THR A 42 -0.73 -6.27 4.83
C THR A 42 0.50 -5.72 4.14
N GLY A 43 0.81 -4.45 4.45
CA GLY A 43 2.05 -3.87 3.96
C GLY A 43 1.91 -3.27 2.58
N ARG A 44 2.90 -2.43 2.24
CA ARG A 44 2.87 -1.70 0.97
C ARG A 44 4.03 -2.05 0.05
N SER A 45 4.87 -3.02 0.44
CA SER A 45 6.06 -3.40 -0.31
C SER A 45 6.49 -4.80 0.16
N HIS A 46 7.45 -5.41 -0.54
CA HIS A 46 8.00 -6.69 -0.05
C HIS A 46 8.77 -6.50 1.24
N SER A 47 9.56 -5.40 1.33
CA SER A 47 10.28 -5.11 2.57
C SER A 47 9.32 -4.92 3.72
N GLU A 48 8.22 -4.17 3.49
CA GLU A 48 7.29 -3.93 4.59
C GLU A 48 6.63 -5.22 5.03
N ILE A 49 6.26 -6.07 4.07
CA ILE A 49 5.71 -7.37 4.45
C ILE A 49 6.61 -8.05 5.45
N HIS A 50 7.92 -8.11 5.16
CA HIS A 50 8.79 -8.86 6.08
C HIS A 50 9.13 -8.07 7.35
N GLN A 51 8.96 -6.76 7.36
CA GLN A 51 9.03 -6.03 8.63
C GLN A 51 7.82 -6.35 9.52
N LEU A 52 6.64 -6.47 8.92
CA LEU A 52 5.42 -6.56 9.69
C LEU A 52 5.04 -7.97 10.10
N VAL A 53 5.35 -8.97 9.28
CA VAL A 53 4.87 -10.32 9.53
C VAL A 53 6.02 -11.20 10.00
N PRO A 54 6.11 -11.49 11.29
CA PRO A 54 7.17 -12.40 11.78
C PRO A 54 7.12 -13.78 11.16
N GLN A 55 8.26 -14.47 11.18
CA GLN A 55 8.35 -15.78 10.56
C GLN A 55 7.50 -16.82 11.26
N ASP A 56 7.14 -16.63 12.52
CA ASP A 56 6.28 -17.56 13.24
C ASP A 56 4.79 -17.33 13.01
N PHE A 57 4.41 -16.48 12.04
CA PHE A 57 3.01 -16.41 11.59
C PHE A 57 2.80 -17.54 10.59
N ALA A 58 1.99 -18.52 10.94
CA ALA A 58 1.84 -19.68 10.11
C ALA A 58 0.89 -19.44 8.94
N VAL A 59 1.08 -18.37 8.17
CA VAL A 59 0.18 -18.12 7.05
C VAL A 59 0.58 -18.99 5.87
N ASN A 60 -0.39 -19.38 5.05
CA ASN A 60 -0.10 -20.05 3.81
C ASN A 60 0.51 -19.11 2.79
N GLY A 61 0.15 -17.82 2.83
CA GLY A 61 0.67 -16.86 1.87
C GLY A 61 0.37 -15.44 2.35
N ILE A 62 1.07 -14.49 1.74
CA ILE A 62 0.87 -13.07 2.06
C ILE A 62 0.80 -12.25 0.78
N ILE A 63 -0.10 -11.26 0.75
CA ILE A 63 -0.09 -10.24 -0.30
C ILE A 63 0.06 -8.85 0.34
N SER A 64 0.59 -7.91 -0.43
CA SER A 64 0.54 -6.54 0.07
C SER A 64 -0.92 -6.08 0.13
N SER A 65 -1.14 -5.10 0.99
CA SER A 65 -2.48 -4.56 1.21
C SER A 65 -3.14 -4.13 -0.08
N ASN A 66 -2.36 -3.70 -1.06
CA ASN A 66 -2.92 -3.24 -2.33
C ASN A 66 -2.79 -4.25 -3.47
N GLY A 67 -2.41 -5.50 -3.16
CA GLY A 67 -2.48 -6.56 -4.15
C GLY A 67 -1.40 -6.57 -5.19
N THR A 68 -0.29 -5.88 -4.95
CA THR A 68 0.72 -5.74 -5.98
C THR A 68 1.82 -6.81 -5.88
N ILE A 69 1.89 -7.53 -4.78
CA ILE A 69 2.87 -8.63 -4.66
C ILE A 69 2.30 -9.75 -3.77
N GLY A 70 2.61 -10.99 -4.13
CA GLY A 70 2.17 -12.11 -3.31
C GLY A 70 3.34 -13.09 -3.11
N GLU A 71 3.44 -13.70 -1.92
CA GLU A 71 4.56 -14.59 -1.57
C GLU A 71 3.85 -15.82 -0.97
N VAL A 72 4.34 -17.02 -1.30
CA VAL A 72 3.82 -18.27 -0.72
C VAL A 72 5.01 -19.11 -0.25
N ASP A 73 5.09 -19.38 1.05
CA ASP A 73 6.20 -20.18 1.61
C ASP A 73 7.54 -19.80 0.96
N GLY A 74 7.82 -18.51 0.96
CA GLY A 74 9.10 -18.03 0.50
C GLY A 74 9.24 -17.75 -0.98
N GLU A 75 8.26 -18.10 -1.82
CA GLU A 75 8.31 -17.84 -3.25
C GLU A 75 7.36 -16.72 -3.60
N ILE A 76 7.86 -15.75 -4.38
CA ILE A 76 7.02 -14.66 -4.89
C ILE A 76 6.24 -15.23 -6.07
N ILE A 77 4.93 -15.25 -5.95
CA ILE A 77 4.09 -15.87 -6.99
C ILE A 77 3.54 -14.84 -7.95
N PHE A 78 3.53 -13.56 -7.59
CA PHE A 78 3.15 -12.55 -8.56
C PHE A 78 3.65 -11.20 -8.05
N LYS A 79 3.84 -10.29 -9.01
CA LYS A 79 4.35 -8.96 -8.72
C LYS A 79 3.89 -8.06 -9.86
N HIS A 80 3.06 -7.07 -9.52
CA HIS A 80 2.48 -6.15 -10.50
C HIS A 80 2.90 -4.74 -10.14
N GLY A 81 3.88 -4.23 -10.85
CA GLY A 81 4.45 -2.95 -10.47
C GLY A 81 4.27 -1.89 -11.52
N LEU A 82 4.46 -0.66 -11.07
CA LEU A 82 4.68 0.46 -11.95
C LEU A 82 6.11 0.49 -12.46
N SER A 83 6.28 0.86 -13.73
CA SER A 83 7.60 1.11 -14.29
C SER A 83 8.15 2.45 -13.83
N LEU A 84 9.47 2.63 -13.96
CA LEU A 84 10.08 3.93 -13.72
C LEU A 84 9.45 5.00 -14.59
N ALA A 85 9.27 4.71 -15.88
CA ALA A 85 8.63 5.68 -16.76
C ALA A 85 7.29 6.14 -16.20
N GLN A 86 6.49 5.19 -15.69
CA GLN A 86 5.19 5.56 -15.13
C GLN A 86 5.38 6.45 -13.91
N VAL A 87 6.35 6.09 -13.06
CA VAL A 87 6.57 6.89 -11.86
C VAL A 87 6.97 8.30 -12.23
N GLN A 88 7.83 8.44 -13.25
CA GLN A 88 8.26 9.76 -13.69
C GLN A 88 7.08 10.57 -14.20
N GLN A 89 6.26 9.96 -15.05
CA GLN A 89 5.10 10.66 -15.59
C GLN A 89 4.18 11.14 -14.48
N ILE A 90 3.79 10.22 -13.58
CA ILE A 90 2.81 10.56 -12.57
C ILE A 90 3.36 11.59 -11.59
N THR A 91 4.60 11.40 -11.12
CA THR A 91 5.14 12.39 -10.20
C THR A 91 5.35 13.73 -10.90
N ASN A 92 5.67 13.75 -12.19
CA ASN A 92 5.82 15.03 -12.87
C ASN A 92 4.50 15.78 -12.90
N LEU A 93 3.40 15.07 -13.13
CA LEU A 93 2.09 15.73 -13.05
C LEU A 93 1.86 16.30 -11.64
N ALA A 94 2.11 15.47 -10.64
CA ALA A 94 1.94 15.92 -9.26
C ALA A 94 2.80 17.16 -8.97
N LYS A 95 4.05 17.09 -9.39
CA LYS A 95 4.98 18.19 -9.11
C LYS A 95 4.51 19.47 -9.76
N ARG A 96 4.01 19.38 -11.00
CA ARG A 96 3.52 20.60 -11.63
C ARG A 96 2.47 21.26 -10.77
N GLN A 97 1.61 20.46 -10.12
CA GLN A 97 0.55 21.07 -9.31
C GLN A 97 0.91 21.16 -7.82
N GLN A 98 2.16 20.96 -7.46
CA GLN A 98 2.61 20.83 -6.05
C GLN A 98 1.65 19.95 -5.24
N ILE A 99 1.47 18.73 -5.72
CA ILE A 99 0.80 17.69 -4.96
C ILE A 99 1.88 16.87 -4.28
N TYR A 100 1.85 16.83 -2.95
CA TYR A 100 2.71 15.97 -2.14
C TYR A 100 2.66 14.54 -2.62
N TYR A 101 3.82 13.88 -2.71
CA TYR A 101 3.83 12.48 -3.15
C TYR A 101 4.89 11.64 -2.47
N GLU A 102 4.60 10.34 -2.39
CA GLU A 102 5.50 9.32 -1.86
C GLU A 102 5.46 8.12 -2.81
N VAL A 103 6.64 7.73 -3.28
CA VAL A 103 6.78 6.60 -4.19
C VAL A 103 7.24 5.38 -3.42
N PHE A 104 6.53 4.25 -3.59
CA PHE A 104 6.85 3.08 -2.77
C PHE A 104 7.46 2.00 -3.64
N PRO A 105 8.79 1.82 -3.61
CA PRO A 105 9.39 0.68 -4.29
C PRO A 105 9.00 -0.60 -3.58
N PHE A 106 9.20 -1.75 -4.27
CA PHE A 106 8.91 -3.03 -3.62
C PHE A 106 9.95 -3.33 -2.53
N GLU A 107 11.15 -2.81 -2.66
CA GLU A 107 12.19 -2.97 -1.62
C GLU A 107 12.74 -1.61 -1.21
N GLY A 108 12.82 -1.39 0.10
CA GLY A 108 13.44 -0.19 0.65
C GLY A 108 12.43 0.84 1.09
N ASN A 109 12.94 1.94 1.58
CA ASN A 109 12.10 3.03 2.03
C ASN A 109 11.35 3.67 0.87
N ARG A 110 10.21 4.29 1.19
CA ARG A 110 9.58 5.13 0.20
C ARG A 110 10.49 6.30 -0.17
N VAL A 111 10.28 6.86 -1.36
CA VAL A 111 11.18 7.91 -1.84
C VAL A 111 10.39 9.08 -2.40
N SER A 112 10.99 10.27 -2.30
CA SER A 112 10.49 11.48 -2.95
C SER A 112 11.73 12.20 -3.48
N LEU A 113 11.56 13.04 -4.50
CA LEU A 113 12.73 13.73 -5.02
C LEU A 113 13.21 14.83 -4.08
N LYS A 114 14.53 14.87 -3.87
CA LYS A 114 15.13 15.89 -3.00
C LYS A 114 14.67 17.30 -3.36
N GLU A 115 14.58 17.62 -4.66
CA GLU A 115 14.20 18.96 -5.07
C GLU A 115 12.81 19.36 -4.58
N ASP A 116 11.99 18.40 -4.14
CA ASP A 116 10.64 18.72 -3.70
C ASP A 116 10.50 18.78 -2.19
N GLU A 117 11.63 18.71 -1.45
CA GLU A 117 11.54 18.54 -0.01
C GLU A 117 10.91 19.78 0.65
N THR A 118 11.39 20.97 0.28
CA THR A 118 10.97 22.18 0.99
C THR A 118 9.47 22.40 0.91
N TRP A 119 8.91 22.39 -0.31
CA TRP A 119 7.48 22.60 -0.45
C TRP A 119 6.68 21.45 0.16
N MSE A 120 7.19 20.22 0.10
CA MSE A 120 6.45 19.14 0.72
C MSE A 120 6.47 19.38 2.21
O MSE A 120 5.42 19.29 2.87
CB MSE A 120 7.01 17.76 0.35
CG MSE A 120 6.37 17.25 -0.92
SE MSE A 120 7.16 15.62 -1.68
CE MSE A 120 6.71 14.56 -0.18
H MSE A 120 7.93 20.00 -0.28
HA MSE A 120 5.54 19.12 0.39
HB2 MSE A 120 7.97 17.82 0.20
HB3 MSE A 120 6.83 17.13 1.06
HG2 MSE A 120 5.44 17.06 -0.74
HG3 MSE A 120 6.44 17.94 -1.60
HE1 MSE A 120 5.74 14.47 -0.13
HE2 MSE A 120 7.11 13.67 -0.29
HE3 MSE A 120 7.05 14.99 0.63
N ARG A 121 7.62 19.78 2.78
CA ARG A 121 7.65 20.02 4.21
C ARG A 121 6.76 21.20 4.56
N ASP A 122 6.74 22.22 3.72
CA ASP A 122 5.96 23.40 4.09
C ASP A 122 4.47 23.05 4.09
N MSE A 123 4.07 22.06 3.30
CA MSE A 123 2.65 21.68 3.35
C MSE A 123 2.22 21.21 4.72
O MSE A 123 1.08 21.38 5.08
CB MSE A 123 2.29 20.50 2.39
CG MSE A 123 2.18 20.73 0.92
SE MSE A 123 0.89 19.38 0.14
CE MSE A 123 -0.14 18.92 1.53
H MSE A 123 4.57 21.60 2.76
HA MSE A 123 2.18 22.48 3.06
HB2 MSE A 123 2.97 19.82 2.51
HB3 MSE A 123 1.42 20.16 2.67
HG2 MSE A 123 1.84 21.63 0.76
HG3 MSE A 123 3.05 20.63 0.52
HE1 MSE A 123 -0.94 18.47 1.20
HE2 MSE A 123 0.36 18.33 2.11
HE3 MSE A 123 -0.39 19.73 2.01
N ILE A 124 3.13 20.54 5.45
CA ILE A 124 2.75 19.88 6.71
C ILE A 124 3.34 20.67 7.87
N ARG A 125 3.46 21.99 7.72
CA ARG A 125 4.10 22.81 8.75
C ARG A 125 3.27 22.83 10.03
N SER A 126 1.95 22.78 9.90
CA SER A 126 1.10 22.88 11.08
C SER A 126 1.23 21.65 11.97
N GLN A 127 1.40 21.91 13.27
CA GLN A 127 1.49 20.83 14.24
C GLN A 127 0.20 20.04 14.33
N ASP A 128 -0.95 20.68 14.18
CA ASP A 128 -2.21 19.96 14.21
C ASP A 128 -2.86 19.95 12.83
N PRO A 129 -3.70 18.96 12.56
CA PRO A 129 -4.26 18.85 11.20
C PRO A 129 -5.05 20.10 10.85
N ILE A 130 -4.98 20.51 9.58
CA ILE A 130 -5.77 21.61 9.07
C ILE A 130 -6.74 21.12 8.01
N ASN A 131 -7.69 21.98 7.71
CA ASN A 131 -8.67 21.81 6.62
C ASN A 131 -9.48 20.52 6.67
N GLY A 132 -9.71 19.94 7.84
CA GLY A 132 -10.48 18.70 7.88
C GLY A 132 -9.70 17.42 7.70
N VAL A 133 -8.40 17.51 7.42
CA VAL A 133 -7.61 16.29 7.30
C VAL A 133 -7.68 15.51 8.60
N SER A 134 -7.70 14.19 8.50
CA SER A 134 -7.77 13.36 9.69
C SER A 134 -6.49 13.43 10.50
N HIS A 135 -6.62 13.25 11.81
CA HIS A 135 -5.41 13.24 12.63
C HIS A 135 -4.48 12.11 12.20
N SER A 136 -5.06 10.95 11.89
CA SER A 136 -4.27 9.81 11.42
C SER A 136 -3.45 10.15 10.19
N GLU A 137 -4.09 10.71 9.16
CA GLU A 137 -3.36 11.02 7.93
C GLU A 137 -2.34 12.15 8.16
N TRP A 138 -2.72 13.17 8.89
CA TRP A 138 -1.76 14.24 9.16
C TRP A 138 -0.53 13.71 9.89
N SER A 139 -0.76 12.94 10.93
CA SER A 139 0.37 12.40 11.69
C SER A 139 1.20 11.43 10.84
N SER A 140 0.58 10.70 9.92
CA SER A 140 1.39 9.89 9.01
C SER A 140 2.28 10.76 8.12
N ARG A 141 1.76 11.91 7.65
CA ARG A 141 2.62 12.80 6.84
C ARG A 141 3.74 13.35 7.72
N GLN A 142 3.42 13.73 8.95
CA GLN A 142 4.47 14.23 9.85
C GLN A 142 5.57 13.18 10.04
N ASP A 143 5.18 11.94 10.29
CA ASP A 143 6.14 10.87 10.54
C ASP A 143 6.98 10.56 9.30
N ALA A 144 6.35 10.60 8.13
CA ALA A 144 7.08 10.31 6.90
C ALA A 144 8.13 11.38 6.67
N LEU A 145 7.75 12.65 6.85
CA LEU A 145 8.70 13.73 6.66
C LEU A 145 9.83 13.63 7.65
N ALA A 146 9.53 13.12 8.85
CA ALA A 146 10.53 13.12 9.91
C ALA A 146 11.60 12.06 9.63
N GLY A 147 11.22 10.93 9.06
CA GLY A 147 12.28 9.96 8.86
C GLY A 147 12.04 8.77 8.00
N LYS A 148 10.87 8.66 7.36
CA LYS A 148 10.59 7.48 6.53
C LYS A 148 10.80 7.69 5.03
N ILE A 149 10.82 8.92 4.57
CA ILE A 149 11.11 9.22 3.17
C ILE A 149 12.62 9.30 2.96
N ASP A 150 13.11 8.59 1.95
CA ASP A 150 14.45 8.75 1.41
C ASP A 150 14.33 9.80 0.31
N TRP A 151 15.07 10.89 0.43
CA TRP A 151 15.09 11.98 -0.54
C TRP A 151 16.15 11.71 -1.59
N VAL A 152 15.74 11.45 -2.83
CA VAL A 152 16.64 10.91 -3.84
C VAL A 152 16.86 11.98 -4.89
N THR A 153 17.98 11.88 -5.60
CA THR A 153 18.22 12.82 -6.69
C THR A 153 17.45 12.39 -7.94
N LYS A 154 17.35 11.09 -8.18
CA LYS A 154 16.56 10.53 -9.25
C LYS A 154 15.91 9.25 -8.75
N PHE A 155 14.73 8.90 -9.31
CA PHE A 155 14.11 7.64 -8.96
C PHE A 155 15.00 6.52 -9.50
N PRO A 156 15.36 5.56 -8.67
CA PRO A 156 16.21 4.46 -9.17
C PRO A 156 15.46 3.54 -10.10
N GLU A 157 16.23 2.76 -10.86
CA GLU A 157 15.64 1.80 -11.78
C GLU A 157 15.01 0.65 -11.00
N GLY A 158 13.99 0.06 -11.59
CA GLY A 158 13.26 -0.98 -10.89
C GLY A 158 11.78 -0.73 -11.04
N GLU A 159 11.01 -1.54 -10.31
CA GLU A 159 9.56 -1.45 -10.29
C GLU A 159 9.06 -0.97 -8.93
N TYR A 160 7.88 -0.40 -8.95
CA TYR A 160 7.29 0.21 -7.76
C TYR A 160 5.90 -0.33 -7.49
N SER A 161 5.55 -0.41 -6.21
CA SER A 161 4.27 -0.94 -5.79
C SER A 161 3.19 0.13 -5.94
N LYS A 162 3.43 1.37 -5.50
CA LYS A 162 2.42 2.40 -5.62
C LYS A 162 3.01 3.80 -5.50
N ILE A 163 2.18 4.78 -5.83
CA ILE A 163 2.45 6.19 -5.50
C ILE A 163 1.29 6.68 -4.68
N TYR A 164 1.60 7.34 -3.55
CA TYR A 164 0.63 8.02 -2.70
C TYR A 164 0.71 9.54 -2.95
N LEU A 165 -0.43 10.18 -3.13
CA LEU A 165 -0.54 11.58 -3.45
C LEU A 165 -1.49 12.23 -2.45
N PHE A 166 -1.19 13.47 -2.07
CA PHE A 166 -1.88 14.14 -0.97
C PHE A 166 -1.89 15.64 -1.19
N SER A 167 -2.99 16.28 -0.82
CA SER A 167 -3.00 17.74 -0.68
C SER A 167 -3.97 18.11 0.43
N SER A 168 -3.62 19.15 1.23
CA SER A 168 -4.54 19.70 2.19
C SER A 168 -5.58 20.57 1.51
N ASN A 169 -5.38 20.87 0.22
CA ASN A 169 -6.32 21.62 -0.59
C ASN A 169 -7.25 20.64 -1.31
N LEU A 170 -8.48 20.51 -0.80
CA LEU A 170 -9.44 19.55 -1.35
C LEU A 170 -9.63 19.71 -2.85
N GLU A 171 -9.88 20.93 -3.32
CA GLU A 171 -10.15 21.09 -4.76
C GLU A 171 -8.98 20.63 -5.60
N LYS A 172 -7.76 20.93 -5.15
CA LYS A 172 -6.57 20.56 -5.91
C LYS A 172 -6.42 19.04 -6.03
N ILE A 173 -6.53 18.32 -4.90
CA ILE A 173 -6.36 16.85 -4.98
C ILE A 173 -7.58 16.19 -5.64
N THR A 174 -8.78 16.74 -5.46
CA THR A 174 -9.95 16.20 -6.17
C THR A 174 -9.77 16.30 -7.70
N ALA A 175 -9.40 17.48 -8.19
CA ALA A 175 -9.18 17.60 -9.63
C ALA A 175 -8.00 16.75 -10.11
N PHE A 176 -6.97 16.61 -9.29
CA PHE A 176 -5.86 15.77 -9.74
C PHE A 176 -6.27 14.31 -9.84
N ARG A 177 -6.95 13.79 -8.81
CA ARG A 177 -7.45 12.43 -8.83
C ARG A 177 -8.35 12.23 -10.03
N ASP A 178 -9.20 13.21 -10.33
CA ASP A 178 -10.08 13.10 -11.48
C ASP A 178 -9.29 13.03 -12.78
N GLU A 179 -8.16 13.78 -12.83
CA GLU A 179 -7.31 13.74 -14.02
C GLU A 179 -6.66 12.38 -14.19
N LEU A 180 -6.23 11.79 -13.09
CA LEU A 180 -5.66 10.44 -13.18
C LEU A 180 -6.71 9.43 -13.67
N LYS A 181 -7.90 9.51 -13.11
CA LYS A 181 -8.94 8.60 -13.59
C LYS A 181 -9.22 8.84 -15.06
N GLN A 182 -9.31 10.11 -15.49
CA GLN A 182 -9.55 10.38 -16.90
C GLN A 182 -8.54 9.69 -17.77
N ASN A 183 -7.28 9.64 -17.34
CA ASN A 183 -6.22 9.11 -18.18
C ASN A 183 -5.67 7.77 -17.71
N HIS A 184 -6.45 6.99 -16.95
CA HIS A 184 -5.89 5.77 -16.37
C HIS A 184 -5.61 4.69 -17.40
N VAL A 185 -6.31 4.72 -18.53
CA VAL A 185 -5.99 3.79 -19.60
C VAL A 185 -4.68 4.17 -20.26
N GLN A 186 -4.54 5.45 -20.60
CA GLN A 186 -3.32 5.91 -21.27
C GLN A 186 -2.10 5.72 -20.37
N LEU A 187 -2.27 6.02 -19.09
CA LEU A 187 -1.19 5.86 -18.13
C LEU A 187 -1.01 4.41 -17.68
N GLN A 188 -1.98 3.54 -17.97
CA GLN A 188 -1.97 2.14 -17.56
C GLN A 188 -1.85 2.00 -16.04
N ILE A 189 -2.81 2.61 -15.36
CA ILE A 189 -2.85 2.59 -13.91
C ILE A 189 -4.25 2.32 -13.39
N SER A 190 -4.28 1.87 -12.11
CA SER A 190 -5.44 1.86 -11.24
C SER A 190 -5.28 3.03 -10.26
N VAL A 191 -6.38 3.73 -10.01
CA VAL A 191 -6.43 4.85 -9.07
C VAL A 191 -7.38 4.50 -7.95
N SER A 192 -6.97 4.73 -6.71
CA SER A 192 -7.87 4.56 -5.57
C SER A 192 -7.63 5.71 -4.62
N ASN A 193 -8.43 5.79 -3.56
CA ASN A 193 -8.18 6.79 -2.52
C ASN A 193 -8.74 6.28 -1.21
N SER A 194 -8.03 6.56 -0.13
CA SER A 194 -8.45 6.16 1.20
C SER A 194 -9.00 7.33 2.01
N SER A 195 -8.88 8.57 1.53
CA SER A 195 -9.50 9.74 2.12
C SER A 195 -9.82 10.72 1.00
N ARG A 196 -10.63 11.73 1.32
CA ARG A 196 -10.90 12.75 0.33
C ARG A 196 -9.70 13.60 0.00
N PHE A 197 -8.61 13.46 0.75
CA PHE A 197 -7.41 14.26 0.57
C PHE A 197 -6.28 13.55 -0.18
N ASN A 198 -6.49 12.31 -0.62
CA ASN A 198 -5.40 11.58 -1.25
C ASN A 198 -5.83 10.84 -2.51
N ALA A 199 -4.82 10.29 -3.17
CA ALA A 199 -5.05 9.41 -4.32
C ALA A 199 -3.86 8.48 -4.36
N GLU A 200 -4.08 7.28 -4.83
CA GLU A 200 -3.01 6.31 -4.98
C GLU A 200 -3.07 5.64 -6.34
N THR A 201 -1.88 5.42 -6.93
CA THR A 201 -1.76 4.83 -8.25
C THR A 201 -0.97 3.53 -8.17
N MSE A 202 -1.48 2.54 -8.85
CA MSE A 202 -0.74 1.29 -9.00
C MSE A 202 -0.98 0.72 -10.39
O MSE A 202 -1.57 1.38 -11.23
CB MSE A 202 -1.14 0.33 -7.90
CG MSE A 202 -2.50 -0.25 -8.01
SE MSE A 202 -3.18 -0.51 -6.18
CE MSE A 202 -2.50 1.24 -5.34
H MSE A 202 -2.23 2.55 -9.27
HA MSE A 202 0.21 1.44 -8.87
HB2 MSE A 202 -0.51 -0.41 -7.91
HB3 MSE A 202 -1.09 0.79 -7.05
HG2 MSE A 202 -3.08 0.35 -8.49
HG3 MSE A 202 -2.46 -1.12 -8.46
HE1 MSE A 202 -2.82 1.99 -5.87
HE2 MSE A 202 -2.85 1.31 -4.43
HE3 MSE A 202 -1.54 1.23 -5.33
N ALA A 203 -0.42 -0.45 -10.67
CA ALA A 203 -0.48 -1.01 -12.00
C ALA A 203 -1.96 -1.12 -12.45
N TYR A 204 -2.15 -1.10 -13.76
CA TYR A 204 -3.49 -1.22 -14.35
C TYR A 204 -4.27 -2.41 -13.81
N GLN A 205 -5.54 -2.15 -13.43
CA GLN A 205 -6.46 -3.16 -12.92
C GLN A 205 -5.83 -4.05 -11.85
N THR A 206 -5.11 -3.44 -10.93
CA THR A 206 -4.50 -4.12 -9.80
C THR A 206 -4.98 -3.49 -8.50
N ASP A 207 -5.46 -4.32 -7.58
CA ASP A 207 -5.86 -3.83 -6.27
C ASP A 207 -5.98 -5.02 -5.33
N LYS A 208 -6.41 -4.73 -4.11
CA LYS A 208 -6.43 -5.77 -3.08
C LYS A 208 -7.25 -6.96 -3.55
N GLY A 209 -8.39 -6.69 -4.21
CA GLY A 209 -9.22 -7.77 -4.70
C GLY A 209 -8.54 -8.63 -5.73
N THR A 210 -7.78 -8.02 -6.65
CA THR A 210 -7.12 -8.86 -7.64
C THR A 210 -6.02 -9.70 -6.99
N GLY A 211 -5.39 -9.15 -5.95
CA GLY A 211 -4.35 -9.90 -5.26
C GLY A 211 -4.93 -11.08 -4.50
N ILE A 212 -6.06 -10.85 -3.84
CA ILE A 212 -6.78 -11.90 -3.16
C ILE A 212 -7.13 -12.99 -4.15
N LYS A 213 -7.62 -12.60 -5.34
CA LYS A 213 -8.03 -13.61 -6.33
C LYS A 213 -6.86 -14.46 -6.83
N GLU A 214 -5.71 -13.82 -7.07
CA GLU A 214 -4.53 -14.54 -7.53
C GLU A 214 -3.97 -15.48 -6.45
N MSE A 215 -4.01 -15.05 -5.20
CA MSE A 215 -3.54 -15.88 -4.08
C MSE A 215 -4.45 -17.08 -3.92
O MSE A 215 -3.98 -18.20 -3.80
CB MSE A 215 -3.54 -15.06 -2.81
CG MSE A 215 -3.02 -15.69 -1.55
SE MSE A 215 -1.31 -16.66 -1.72
CE MSE A 215 -0.10 -15.05 -1.52
H MSE A 215 -4.30 -14.28 -4.96
HA MSE A 215 -2.62 -16.17 -4.25
HB2 MSE A 215 -3.00 -14.27 -2.96
HB3 MSE A 215 -4.46 -14.81 -2.62
HG2 MSE A 215 -2.89 -14.99 -0.89
HG3 MSE A 215 -3.68 -16.33 -1.24
HE1 MSE A 215 -0.22 -14.67 -0.63
HE2 MSE A 215 0.83 -15.32 -1.64
HE3 MSE A 215 -0.33 -14.39 -2.19
N ILE A 216 -5.77 -16.88 -3.88
CA ILE A 216 -6.60 -18.07 -3.65
C ILE A 216 -6.50 -19.01 -4.85
N ALA A 217 -6.33 -18.45 -6.06
CA ALA A 217 -6.23 -19.33 -7.23
C ALA A 217 -4.97 -20.20 -7.16
N HIS A 218 -3.91 -19.65 -6.61
CA HIS A 218 -2.69 -20.44 -6.40
C HIS A 218 -2.98 -21.69 -5.61
N PHE A 219 -3.94 -21.63 -4.70
CA PHE A 219 -4.32 -22.78 -3.91
C PHE A 219 -5.56 -23.49 -4.46
N GLY A 220 -6.01 -23.18 -5.66
CA GLY A 220 -7.18 -23.83 -6.21
C GLY A 220 -8.47 -23.55 -5.47
N ILE A 221 -8.55 -22.42 -4.79
CA ILE A 221 -9.70 -22.06 -3.97
C ILE A 221 -10.47 -20.95 -4.67
N HIS A 222 -11.81 -21.06 -4.63
CA HIS A 222 -12.75 -20.15 -5.27
C HIS A 222 -13.08 -18.99 -4.34
N GLN A 223 -13.42 -17.83 -4.91
CA GLN A 223 -13.86 -16.70 -4.10
C GLN A 223 -14.99 -17.09 -3.15
N GLU A 224 -15.93 -17.93 -3.61
CA GLU A 224 -17.07 -18.25 -2.74
C GLU A 224 -16.68 -19.19 -1.61
N GLU A 225 -15.45 -19.73 -1.63
CA GLU A 225 -14.90 -20.54 -0.56
C GLU A 225 -13.94 -19.76 0.32
N THR A 226 -13.90 -18.44 0.15
CA THR A 226 -12.94 -17.57 0.82
C THR A 226 -13.71 -16.61 1.67
N LEU A 227 -13.35 -16.56 2.96
CA LEU A 227 -13.93 -15.61 3.90
C LEU A 227 -12.92 -14.50 4.12
N VAL A 228 -13.19 -13.34 3.57
CA VAL A 228 -12.31 -12.19 3.74
C VAL A 228 -12.75 -11.40 4.97
N ILE A 229 -11.81 -11.19 5.89
CA ILE A 229 -12.05 -10.63 7.22
C ILE A 229 -11.20 -9.38 7.35
N GLY A 230 -11.77 -8.30 7.87
CA GLY A 230 -11.00 -7.09 8.12
C GLY A 230 -11.20 -6.01 7.09
N ASP A 231 -11.96 -6.32 6.03
CA ASP A 231 -12.21 -5.47 4.86
C ASP A 231 -11.18 -5.71 3.77
#